data_6PH5
#
_entry.id   6PH5
#
_cell.length_a   54.132
_cell.length_b   79.116
_cell.length_c   55.203
_cell.angle_alpha   90.000
_cell.angle_beta   106.610
_cell.angle_gamma   90.000
#
_symmetry.space_group_name_H-M   'P 1 21 1'
#
loop_
_entity.id
_entity.type
_entity.pdbx_description
1 polymer 'DNA polymerase beta'
2 polymer "DNA (5'-D(*CP*CP*GP*AP*CP*GP*CP*GP*CP*GP*CP*AP*TP*CP*AP*GP*C)-3')"
3 polymer "DNA (5'-D(*GP*CP*TP*GP*AP*TP*GP*CP*GP*CP*C)-3')"
4 polymer "DNA (5'-D(P*GP*TP*CP*GP*G)-3')"
5 non-polymer 'SODIUM ION'
6 water water
#
loop_
_entity_poly.entity_id
_entity_poly.type
_entity_poly.pdbx_seq_one_letter_code
_entity_poly.pdbx_strand_id
1 'polypeptide(L)'
;MSKRKAPQETLNGGITDMLTELANFEKNVSQAIHKYNAYRKAASVIAKYPHKIKSGAEAKKLPGVGTKIAEKIDEFLATG
KLRKLEKIRQDDTSSSINFLTRVSGIGPSAARKFVDEGIKTLEDLRKNEDKLNHHQRIGLKYFGDFEKRIPREEMLQMQD
IVLNEVKKVDSEYIATVCGSFRRGAESSGDMDVLLTHPSFTSESTKQPKLLHQVVEQLQKVHFITDTLSKGETKFMGVCQ
LPSKNDEKEYPHRRIDIRLIPKDQYYCGVLYFTGSDIFNKNMRAHALEKGFTINEYTIRPLGVTGVAGEPLPVDSEKDIF
DYIQWKYREPKDRSE
;
A
2 'polydeoxyribonucleotide' (DC)(DC)(DG)(DA)(DC)(DG)(DC)(DG)(DC)(DG)(DC)(DA)(DT)(DC)(DA)(DG)(DC) T
3 'polydeoxyribonucleotide' (DG)(DC)(DT)(DG)(DA)(DT)(DG)(DC)(DG)(DC)(DC) P
4 'polydeoxyribonucleotide' (DG)(DT)(DC)(DG)(DG) D
#
loop_
_chem_comp.id
_chem_comp.type
_chem_comp.name
_chem_comp.formula
DA DNA linking 2'-DEOXYADENOSINE-5'-MONOPHOSPHATE 'C10 H14 N5 O6 P'
DC DNA linking 2'-DEOXYCYTIDINE-5'-MONOPHOSPHATE 'C9 H14 N3 O7 P'
DG DNA linking 2'-DEOXYGUANOSINE-5'-MONOPHOSPHATE 'C10 H14 N5 O7 P'
DT DNA linking THYMIDINE-5'-MONOPHOSPHATE 'C10 H15 N2 O8 P'
NA non-polymer 'SODIUM ION' 'Na 1'
#
# COMPACT_ATOMS: atom_id res chain seq x y z
N THR A 10 1.20 23.59 2.96
CA THR A 10 0.73 24.28 1.77
C THR A 10 1.85 25.11 1.14
N LEU A 11 3.10 24.83 1.53
CA LEU A 11 4.22 25.58 0.97
C LEU A 11 4.28 25.42 -0.53
N ASN A 12 4.20 24.19 -1.02
CA ASN A 12 4.09 23.91 -2.44
C ASN A 12 2.88 23.03 -2.73
N GLY A 13 1.85 23.11 -1.89
CA GLY A 13 0.72 22.23 -2.04
C GLY A 13 0.06 22.35 -3.40
N GLY A 14 -0.11 23.58 -3.88
CA GLY A 14 -0.73 23.77 -5.19
C GLY A 14 0.06 23.13 -6.30
N ILE A 15 1.37 23.01 -6.14
CA ILE A 15 2.21 22.36 -7.13
C ILE A 15 2.11 20.83 -6.99
N THR A 16 2.23 20.32 -5.77
CA THR A 16 2.13 18.87 -5.58
C THR A 16 0.74 18.34 -5.93
N ASP A 17 -0.32 19.08 -5.54
CA ASP A 17 -1.67 18.71 -5.95
C ASP A 17 -1.77 18.60 -7.47
N MET A 18 -1.13 19.52 -8.17
CA MET A 18 -1.16 19.48 -9.62
C MET A 18 -0.44 18.24 -10.14
N LEU A 19 0.80 18.04 -9.71
CA LEU A 19 1.58 16.88 -10.13
C LEU A 19 0.86 15.57 -9.78
N THR A 20 0.22 15.52 -8.61
CA THR A 20 -0.51 14.31 -8.22
C THR A 20 -1.78 14.16 -9.05
N GLU A 21 -2.47 15.27 -9.33
CA GLU A 21 -3.59 15.21 -10.25
C GLU A 21 -3.13 14.67 -11.61
N LEU A 22 -2.14 15.33 -12.22
CA LEU A 22 -1.62 14.86 -13.50
C LEU A 22 -1.26 13.37 -13.44
N ALA A 23 -0.62 12.97 -12.34
CA ALA A 23 -0.20 11.58 -12.16
C ALA A 23 -1.39 10.63 -12.25
N ASN A 24 -2.45 10.93 -11.51
CA ASN A 24 -3.59 10.04 -11.50
C ASN A 24 -4.20 9.92 -12.89
N PHE A 25 -4.33 11.05 -13.60
CA PHE A 25 -4.84 10.94 -14.96
C PHE A 25 -3.92 10.05 -15.82
N GLU A 26 -2.58 10.16 -15.65
CA GLU A 26 -1.70 9.33 -16.45
C GLU A 26 -1.87 7.86 -16.14
N LYS A 27 -1.97 7.51 -14.85
CA LYS A 27 -2.25 6.13 -14.45
C LYS A 27 -3.59 5.66 -14.98
N ASN A 28 -4.65 6.44 -14.77
CA ASN A 28 -5.99 5.89 -14.90
C ASN A 28 -6.58 6.05 -16.29
N VAL A 29 -6.30 7.16 -16.96
CA VAL A 29 -6.84 7.43 -18.28
C VAL A 29 -5.83 7.11 -19.37
N SER A 30 -4.62 7.63 -19.23
CA SER A 30 -3.55 7.43 -20.22
C SER A 30 -2.98 6.02 -20.15
N GLN A 31 -3.09 5.38 -19.00
CA GLN A 31 -2.48 4.08 -18.74
C GLN A 31 -0.99 4.12 -19.06
N ALA A 32 -0.33 5.15 -18.53
CA ALA A 32 1.10 5.36 -18.68
C ALA A 32 1.71 5.35 -17.29
N ILE A 33 2.03 4.14 -16.81
CA ILE A 33 2.39 4.00 -15.40
C ILE A 33 3.73 4.66 -15.09
N HIS A 34 4.64 4.74 -16.08
CA HIS A 34 5.93 5.38 -15.82
C HIS A 34 5.79 6.89 -15.75
N LYS A 35 4.83 7.47 -16.47
CA LYS A 35 4.53 8.87 -16.28
C LYS A 35 3.88 9.08 -14.91
N TYR A 36 2.93 8.21 -14.54
CA TYR A 36 2.37 8.27 -13.20
C TYR A 36 3.48 8.38 -12.15
N ASN A 37 4.43 7.42 -12.18
CA ASN A 37 5.51 7.43 -11.18
C ASN A 37 6.47 8.61 -11.36
N ALA A 38 6.69 9.06 -12.60
CA ALA A 38 7.45 10.28 -12.82
C ALA A 38 6.78 11.46 -12.13
N TYR A 39 5.47 11.61 -12.33
CA TYR A 39 4.76 12.71 -11.69
C TYR A 39 4.80 12.57 -10.16
N ARG A 40 4.64 11.36 -9.66
CA ARG A 40 4.59 11.22 -8.21
C ARG A 40 5.95 11.43 -7.60
N LYS A 41 7.00 10.93 -8.27
CA LYS A 41 8.35 11.21 -7.82
C LYS A 41 8.60 12.72 -7.73
N ALA A 42 8.24 13.46 -8.77
CA ALA A 42 8.34 14.91 -8.73
C ALA A 42 7.62 15.48 -7.50
N ALA A 43 6.37 15.08 -7.30
CA ALA A 43 5.61 15.57 -6.15
C ALA A 43 6.34 15.25 -4.84
N SER A 44 7.00 14.10 -4.75
CA SER A 44 7.66 13.71 -3.52
C SER A 44 8.82 14.64 -3.21
N VAL A 45 9.68 14.89 -4.21
CA VAL A 45 10.86 15.72 -3.95
C VAL A 45 10.43 17.16 -3.74
N ILE A 46 9.32 17.58 -4.36
CA ILE A 46 8.87 18.95 -4.17
C ILE A 46 8.24 19.13 -2.79
N ALA A 47 7.41 18.17 -2.35
CA ALA A 47 6.73 18.28 -1.07
C ALA A 47 7.72 18.40 0.09
N LYS A 48 8.91 17.83 -0.05
CA LYS A 48 9.91 17.87 0.99
C LYS A 48 10.89 19.02 0.82
N TYR A 49 10.85 19.71 -0.29
CA TYR A 49 11.72 20.85 -0.50
C TYR A 49 11.26 21.98 0.40
N PRO A 50 12.13 22.52 1.25
CA PRO A 50 11.66 23.47 2.27
C PRO A 50 11.64 24.94 1.88
N HIS A 51 11.26 25.27 0.64
CA HIS A 51 11.05 26.66 0.26
C HIS A 51 9.85 26.78 -0.65
N LYS A 52 9.19 27.94 -0.58
CA LYS A 52 8.08 28.22 -1.48
C LYS A 52 8.69 28.41 -2.86
N ILE A 53 8.48 27.44 -3.74
CA ILE A 53 9.10 27.49 -5.05
C ILE A 53 8.56 28.70 -5.80
N LYS A 54 9.44 29.42 -6.47
CA LYS A 54 9.06 30.61 -7.21
C LYS A 54 9.28 30.51 -8.71
N SER A 55 9.85 29.40 -9.20
CA SER A 55 10.08 29.26 -10.64
C SER A 55 10.17 27.80 -11.01
N GLY A 56 9.76 27.48 -12.24
CA GLY A 56 10.08 26.17 -12.78
C GLY A 56 11.57 25.92 -12.80
N ALA A 57 12.35 26.97 -13.08
CA ALA A 57 13.79 26.81 -13.13
C ALA A 57 14.37 26.47 -11.77
N GLU A 58 13.90 27.15 -10.72
CA GLU A 58 14.32 26.77 -9.38
C GLU A 58 14.00 25.31 -9.11
N ALA A 59 12.84 24.86 -9.60
CA ALA A 59 12.36 23.50 -9.36
C ALA A 59 13.21 22.48 -10.11
N LYS A 60 13.49 22.74 -11.39
CA LYS A 60 14.23 21.81 -12.23
C LYS A 60 15.53 21.34 -11.60
N LYS A 61 16.10 22.10 -10.66
CA LYS A 61 17.30 21.63 -9.98
C LYS A 61 17.03 20.38 -9.15
N LEU A 62 15.81 20.06 -8.90
CA LEU A 62 15.59 18.91 -8.02
C LEU A 62 15.57 17.62 -8.84
N PRO A 63 15.99 16.49 -8.27
CA PRO A 63 16.00 15.25 -9.05
C PRO A 63 14.58 14.72 -9.22
N GLY A 64 14.20 14.46 -10.48
CA GLY A 64 12.84 14.12 -10.82
C GLY A 64 12.03 15.25 -11.42
N VAL A 65 12.54 16.48 -11.42
CA VAL A 65 11.89 17.58 -12.09
C VAL A 65 12.70 17.86 -13.33
N GLY A 66 12.08 17.72 -14.50
CA GLY A 66 12.70 18.05 -15.75
C GLY A 66 12.04 19.24 -16.41
N THR A 67 12.33 19.40 -17.70
CA THR A 67 11.85 20.56 -18.43
C THR A 67 10.33 20.64 -18.43
N LYS A 68 9.64 19.54 -18.73
CA LYS A 68 8.21 19.67 -18.96
C LYS A 68 7.47 20.00 -17.67
N ILE A 69 7.85 19.35 -16.56
CA ILE A 69 7.26 19.70 -15.28
C ILE A 69 7.68 21.10 -14.84
N ALA A 70 8.89 21.53 -15.19
CA ALA A 70 9.28 22.90 -14.92
C ALA A 70 8.37 23.89 -15.63
N GLU A 71 8.14 23.68 -16.93
CA GLU A 71 7.26 24.58 -17.69
C GLU A 71 5.84 24.57 -17.12
N LYS A 72 5.35 23.39 -16.73
CA LYS A 72 4.05 23.33 -16.08
C LYS A 72 4.03 24.14 -14.80
N ILE A 73 5.15 24.25 -14.10
CA ILE A 73 5.16 25.06 -12.88
C ILE A 73 5.09 26.54 -13.21
N ASP A 74 5.86 26.99 -14.20
CA ASP A 74 5.79 28.38 -14.64
C ASP A 74 4.36 28.78 -14.95
N GLU A 75 3.61 27.94 -15.69
CA GLU A 75 2.23 28.28 -16.03
C GLU A 75 1.35 28.27 -14.80
N PHE A 76 1.57 27.31 -13.90
CA PHE A 76 0.83 27.34 -12.65
C PHE A 76 1.12 28.63 -11.87
N LEU A 77 2.40 28.99 -11.73
CA LEU A 77 2.76 30.14 -10.91
C LEU A 77 2.38 31.49 -11.54
N ALA A 78 2.19 31.55 -12.86
CA ALA A 78 1.83 32.82 -13.49
C ALA A 78 0.33 33.00 -13.67
N THR A 79 -0.47 31.94 -13.57
CA THR A 79 -1.88 32.07 -13.91
C THR A 79 -2.82 31.38 -12.94
N GLY A 80 -2.33 30.64 -11.95
CA GLY A 80 -3.18 29.93 -11.02
C GLY A 80 -3.61 28.54 -11.46
N LYS A 81 -3.47 28.19 -12.74
CA LYS A 81 -4.11 26.99 -13.27
C LYS A 81 -3.20 26.27 -14.24
N LEU A 82 -3.67 25.13 -14.72
CA LEU A 82 -3.03 24.42 -15.82
C LEU A 82 -4.06 24.24 -16.92
N ARG A 83 -3.78 24.79 -18.11
CA ARG A 83 -4.75 24.66 -19.20
C ARG A 83 -5.08 23.18 -19.46
N LYS A 84 -4.06 22.31 -19.47
CA LYS A 84 -4.30 20.89 -19.74
C LYS A 84 -5.16 20.28 -18.63
N LEU A 85 -4.98 20.75 -17.41
CA LEU A 85 -5.71 20.18 -16.28
C LEU A 85 -7.14 20.66 -16.25
N GLU A 86 -7.34 21.97 -16.41
CA GLU A 86 -8.67 22.54 -16.56
C GLU A 86 -9.50 21.80 -17.62
N LYS A 87 -8.88 21.53 -18.78
CA LYS A 87 -9.56 20.86 -19.90
C LYS A 87 -9.94 19.44 -19.53
N ILE A 88 -8.98 18.67 -19.04
CA ILE A 88 -9.20 17.29 -18.62
C ILE A 88 -10.23 17.22 -17.50
N ARG A 89 -10.26 18.24 -16.62
CA ARG A 89 -11.12 18.22 -15.45
C ARG A 89 -12.59 18.32 -15.81
N GLN A 90 -12.90 19.04 -16.88
CA GLN A 90 -14.26 19.20 -17.39
C GLN A 90 -14.62 18.16 -18.42
N ASP A 91 -13.76 17.18 -18.67
CA ASP A 91 -13.95 16.26 -19.78
C ASP A 91 -14.67 15.03 -19.27
N ASP A 92 -15.85 14.77 -19.82
CA ASP A 92 -16.73 13.78 -19.23
C ASP A 92 -16.14 12.38 -19.30
N THR A 93 -15.54 12.02 -20.42
CA THR A 93 -15.01 10.68 -20.55
C THR A 93 -13.83 10.49 -19.61
N SER A 94 -12.88 11.42 -19.66
CA SER A 94 -11.66 11.28 -18.89
C SER A 94 -11.97 11.30 -17.40
N SER A 95 -12.78 12.25 -16.96
CA SER A 95 -12.98 12.34 -15.53
C SER A 95 -13.87 11.22 -15.02
N SER A 96 -14.72 10.62 -15.85
CA SER A 96 -15.46 9.45 -15.39
C SER A 96 -14.51 8.28 -15.16
N ILE A 97 -13.62 8.02 -16.12
CA ILE A 97 -12.67 6.92 -15.98
C ILE A 97 -11.87 7.09 -14.69
N ASN A 98 -11.22 8.24 -14.53
CA ASN A 98 -10.48 8.57 -13.32
C ASN A 98 -11.29 8.19 -12.08
N PHE A 99 -12.57 8.60 -12.06
CA PHE A 99 -13.40 8.47 -10.86
C PHE A 99 -13.74 7.02 -10.55
N LEU A 100 -14.17 6.26 -11.57
CA LEU A 100 -14.53 4.86 -11.35
C LEU A 100 -13.37 4.03 -10.82
N THR A 101 -12.11 4.44 -11.08
CA THR A 101 -11.00 3.69 -10.52
C THR A 101 -10.96 3.80 -9.01
N ARG A 102 -11.60 4.82 -8.44
CA ARG A 102 -11.70 4.85 -7.00
C ARG A 102 -12.50 3.68 -6.44
N VAL A 103 -13.24 2.95 -7.25
CA VAL A 103 -13.87 1.71 -6.78
C VAL A 103 -12.82 0.61 -6.76
N SER A 104 -12.60 0.05 -5.57
CA SER A 104 -11.66 -1.06 -5.44
C SER A 104 -12.10 -2.27 -6.26
N GLY A 105 -11.19 -2.78 -7.07
CA GLY A 105 -11.50 -3.74 -8.09
C GLY A 105 -11.72 -3.13 -9.46
N ILE A 106 -11.91 -1.82 -9.54
CA ILE A 106 -11.95 -1.14 -10.82
C ILE A 106 -10.62 -0.41 -10.99
N GLY A 107 -9.73 -1.01 -11.76
CA GLY A 107 -8.55 -0.34 -12.25
C GLY A 107 -8.87 0.36 -13.55
N PRO A 108 -7.83 0.91 -14.19
CA PRO A 108 -8.06 1.74 -15.39
C PRO A 108 -8.65 0.98 -16.59
N SER A 109 -8.48 -0.33 -16.67
CA SER A 109 -9.09 -1.06 -17.78
C SER A 109 -10.59 -1.20 -17.61
N ALA A 110 -11.04 -1.68 -16.43
CA ALA A 110 -12.47 -1.80 -16.18
C ALA A 110 -13.18 -0.46 -16.33
N ALA A 111 -12.52 0.61 -15.89
CA ALA A 111 -13.13 1.93 -15.95
C ALA A 111 -13.22 2.44 -17.39
N ARG A 112 -12.17 2.22 -18.18
CA ARG A 112 -12.29 2.46 -19.61
C ARG A 112 -13.44 1.66 -20.19
N LYS A 113 -13.52 0.38 -19.85
CA LYS A 113 -14.58 -0.47 -20.39
C LYS A 113 -15.95 0.05 -19.99
N PHE A 114 -16.11 0.43 -18.72
CA PHE A 114 -17.43 0.88 -18.27
C PHE A 114 -17.84 2.18 -18.94
N VAL A 115 -16.91 3.12 -19.09
CA VAL A 115 -17.27 4.41 -19.64
C VAL A 115 -17.53 4.30 -21.13
N ASP A 116 -17.02 3.24 -21.77
CA ASP A 116 -17.38 2.97 -23.16
C ASP A 116 -18.86 2.64 -23.26
N GLU A 117 -19.34 1.72 -22.40
CA GLU A 117 -20.72 1.26 -22.40
C GLU A 117 -21.66 2.14 -21.58
N GLY A 118 -21.26 3.38 -21.26
CA GLY A 118 -22.18 4.33 -20.66
C GLY A 118 -22.32 4.30 -19.15
N ILE A 119 -21.60 3.44 -18.46
CA ILE A 119 -21.53 3.49 -17.00
C ILE A 119 -20.50 4.57 -16.61
N LYS A 120 -20.95 5.69 -16.04
CA LYS A 120 -20.03 6.75 -15.64
C LYS A 120 -20.01 7.05 -14.15
N THR A 121 -20.97 6.55 -13.38
CA THR A 121 -21.15 6.97 -11.99
C THR A 121 -21.37 5.74 -11.12
N LEU A 122 -21.28 5.93 -9.80
CA LEU A 122 -21.59 4.85 -8.87
C LEU A 122 -22.98 4.29 -9.13
N GLU A 123 -23.96 5.18 -9.34
CA GLU A 123 -25.32 4.74 -9.61
C GLU A 123 -25.37 3.87 -10.84
N ASP A 124 -24.66 4.26 -11.89
CA ASP A 124 -24.66 3.45 -13.09
C ASP A 124 -24.15 2.04 -12.80
N LEU A 125 -23.17 1.92 -11.88
CA LEU A 125 -22.72 0.58 -11.45
C LEU A 125 -23.82 -0.13 -10.67
N ARG A 126 -24.49 0.56 -9.75
CA ARG A 126 -25.56 -0.05 -8.99
C ARG A 126 -26.63 -0.64 -9.89
N LYS A 127 -26.93 0.02 -11.00
CA LYS A 127 -27.90 -0.51 -11.96
C LYS A 127 -27.33 -1.59 -12.87
N ASN A 128 -26.04 -1.90 -12.81
CA ASN A 128 -25.45 -2.94 -13.65
C ASN A 128 -24.55 -3.86 -12.86
N GLU A 129 -24.97 -4.24 -11.65
CA GLU A 129 -24.15 -5.10 -10.82
C GLU A 129 -23.72 -6.38 -11.54
N ASP A 130 -24.55 -6.84 -12.49
CA ASP A 130 -24.28 -8.05 -13.25
C ASP A 130 -23.00 -7.96 -14.04
N LYS A 131 -22.54 -6.75 -14.33
CA LYS A 131 -21.30 -6.52 -15.06
C LYS A 131 -20.11 -6.24 -14.16
N LEU A 132 -20.22 -6.49 -12.87
CA LEU A 132 -19.10 -6.34 -11.97
C LEU A 132 -18.71 -7.70 -11.42
N ASN A 133 -17.42 -8.01 -11.44
CA ASN A 133 -16.94 -9.18 -10.74
C ASN A 133 -17.16 -9.01 -9.23
N HIS A 134 -16.86 -10.10 -8.49
CA HIS A 134 -17.14 -10.12 -7.05
C HIS A 134 -16.30 -9.09 -6.29
N HIS A 135 -15.03 -8.91 -6.66
CA HIS A 135 -14.22 -7.88 -6.01
C HIS A 135 -14.87 -6.51 -6.17
N GLN A 136 -15.33 -6.19 -7.38
CA GLN A 136 -15.86 -4.86 -7.65
C GLN A 136 -17.13 -4.60 -6.85
N ARG A 137 -18.04 -5.57 -6.79
CA ARG A 137 -19.25 -5.42 -5.98
C ARG A 137 -18.91 -4.99 -4.57
N ILE A 138 -17.92 -5.67 -3.96
CA ILE A 138 -17.49 -5.38 -2.60
C ILE A 138 -16.76 -4.05 -2.52
N GLY A 139 -16.06 -3.63 -3.58
CA GLY A 139 -15.55 -2.26 -3.62
C GLY A 139 -16.66 -1.23 -3.71
N LEU A 140 -17.69 -1.50 -4.50
CA LEU A 140 -18.80 -0.57 -4.63
C LEU A 140 -19.59 -0.47 -3.33
N LYS A 141 -19.86 -1.63 -2.70
CA LYS A 141 -20.63 -1.63 -1.47
C LYS A 141 -19.97 -0.77 -0.39
N TYR A 142 -18.64 -0.85 -0.24
CA TYR A 142 -17.92 -0.15 0.81
C TYR A 142 -17.11 1.01 0.27
N PHE A 143 -17.58 1.58 -0.85
CA PHE A 143 -16.82 2.63 -1.52
C PHE A 143 -16.48 3.76 -0.55
N GLY A 144 -17.47 4.24 0.19
CA GLY A 144 -17.21 5.30 1.16
C GLY A 144 -16.27 4.87 2.27
N ASP A 145 -16.57 3.72 2.91
CA ASP A 145 -15.71 3.24 4.00
C ASP A 145 -14.25 3.13 3.57
N PHE A 146 -14.02 2.59 2.36
CA PHE A 146 -12.66 2.31 1.97
C PHE A 146 -11.86 3.58 1.76
N GLU A 147 -12.54 4.72 1.59
CA GLU A 147 -11.83 5.98 1.46
C GLU A 147 -11.60 6.69 2.81
N LYS A 148 -12.11 6.16 3.91
CA LYS A 148 -11.77 6.72 5.22
C LYS A 148 -10.45 6.16 5.71
N ARG A 149 -9.69 6.99 6.40
CA ARG A 149 -8.52 6.43 7.05
C ARG A 149 -8.93 5.74 8.35
N ILE A 150 -8.03 4.89 8.85
CA ILE A 150 -8.26 4.15 10.07
C ILE A 150 -7.43 4.80 11.17
N PRO A 151 -8.05 5.27 12.26
CA PRO A 151 -7.25 5.86 13.34
C PRO A 151 -6.49 4.78 14.09
N ARG A 152 -5.27 5.13 14.53
CA ARG A 152 -4.44 4.19 15.27
C ARG A 152 -5.21 3.51 16.41
N GLU A 153 -6.08 4.26 17.08
CA GLU A 153 -6.81 3.69 18.20
C GLU A 153 -7.72 2.57 17.73
N GLU A 154 -8.32 2.70 16.55
CA GLU A 154 -9.11 1.60 16.01
C GLU A 154 -8.21 0.45 15.57
N MET A 155 -7.00 0.76 15.08
CA MET A 155 -6.04 -0.28 14.72
C MET A 155 -5.68 -1.14 15.93
N LEU A 156 -5.53 -0.54 17.11
CA LEU A 156 -5.18 -1.31 18.30
C LEU A 156 -6.26 -2.32 18.63
N GLN A 157 -7.52 -1.87 18.71
CA GLN A 157 -8.62 -2.80 18.93
C GLN A 157 -8.64 -3.86 17.84
N MET A 158 -8.44 -3.44 16.58
CA MET A 158 -8.36 -4.42 15.49
C MET A 158 -7.23 -5.41 15.74
N GLN A 159 -6.06 -4.90 16.11
CA GLN A 159 -4.94 -5.79 16.39
C GLN A 159 -5.20 -6.65 17.62
N ASP A 160 -6.00 -6.16 18.56
CA ASP A 160 -6.36 -6.99 19.70
C ASP A 160 -7.12 -8.23 19.24
N ILE A 161 -8.08 -8.04 18.33
CA ILE A 161 -8.91 -9.14 17.86
C ILE A 161 -8.08 -10.12 17.02
N VAL A 162 -7.21 -9.58 16.16
CA VAL A 162 -6.46 -10.45 15.26
C VAL A 162 -5.53 -11.35 16.03
N LEU A 163 -4.84 -10.81 17.02
CA LEU A 163 -3.89 -11.62 17.80
C LEU A 163 -4.64 -12.55 18.75
N ASN A 164 -5.68 -12.05 19.41
CA ASN A 164 -6.47 -12.93 20.27
C ASN A 164 -6.98 -14.15 19.51
N GLU A 165 -7.65 -13.94 18.38
CA GLU A 165 -8.23 -15.08 17.67
C GLU A 165 -7.16 -15.97 17.05
N VAL A 166 -6.04 -15.38 16.62
CA VAL A 166 -5.02 -16.18 15.94
C VAL A 166 -4.35 -17.10 16.93
N LYS A 167 -4.04 -16.58 18.12
CA LYS A 167 -3.52 -17.46 19.16
C LYS A 167 -4.58 -18.48 19.58
N LYS A 168 -5.86 -18.15 19.41
CA LYS A 168 -6.95 -19.04 19.78
C LYS A 168 -7.00 -20.28 18.89
N VAL A 169 -6.73 -20.13 17.58
CA VAL A 169 -6.69 -21.29 16.70
C VAL A 169 -5.46 -22.16 16.97
N ASP A 170 -4.31 -21.54 17.22
CA ASP A 170 -3.07 -22.29 17.46
C ASP A 170 -2.08 -21.35 18.12
N SER A 171 -1.75 -21.61 19.39
CA SER A 171 -0.86 -20.74 20.13
C SER A 171 0.54 -20.68 19.53
N GLU A 172 0.86 -21.53 18.58
CA GLU A 172 2.16 -21.53 17.94
C GLU A 172 2.25 -20.63 16.71
N TYR A 173 1.11 -20.24 16.12
CA TYR A 173 1.10 -19.16 15.13
C TYR A 173 1.87 -17.96 15.66
N ILE A 174 2.51 -17.24 14.75
CA ILE A 174 3.05 -15.92 15.02
C ILE A 174 2.37 -14.96 14.07
N ALA A 175 1.78 -13.89 14.61
CA ALA A 175 1.17 -12.84 13.81
C ALA A 175 1.75 -11.49 14.19
N THR A 176 1.98 -10.66 13.18
CA THR A 176 2.57 -9.33 13.32
C THR A 176 1.79 -8.37 12.43
N VAL A 177 1.37 -7.24 12.98
CA VAL A 177 0.77 -6.18 12.17
C VAL A 177 1.85 -5.22 11.74
N CYS A 178 2.05 -5.08 10.44
CA CYS A 178 3.12 -4.28 9.88
C CYS A 178 2.53 -2.93 9.42
N GLY A 179 2.79 -2.44 8.22
CA GLY A 179 2.25 -1.18 7.77
C GLY A 179 2.82 -0.01 8.54
N SER A 180 2.37 1.19 8.17
CA SER A 180 2.81 2.35 8.93
C SER A 180 2.40 2.24 10.39
N PHE A 181 1.30 1.53 10.67
CA PHE A 181 0.88 1.28 12.05
C PHE A 181 2.02 0.73 12.92
N ARG A 182 2.83 -0.19 12.37
CA ARG A 182 3.91 -0.76 13.16
C ARG A 182 4.96 0.29 13.51
N ARG A 183 5.17 1.24 12.62
CA ARG A 183 6.10 2.33 12.87
C ARG A 183 5.50 3.41 13.76
N GLY A 184 4.21 3.28 14.11
CA GLY A 184 3.59 4.14 15.09
C GLY A 184 2.57 5.12 14.54
N ALA A 185 2.16 4.97 13.28
CA ALA A 185 1.46 6.01 12.55
C ALA A 185 0.22 6.49 13.29
N GLU A 186 -0.11 7.77 13.11
CA GLU A 186 -1.33 8.30 13.68
C GLU A 186 -2.55 7.60 13.10
N SER A 187 -2.45 7.15 11.84
CA SER A 187 -3.54 6.48 11.19
C SER A 187 -2.99 5.55 10.12
N SER A 188 -3.87 4.67 9.64
CA SER A 188 -3.55 3.64 8.66
C SER A 188 -4.62 3.63 7.58
N GLY A 189 -4.25 3.13 6.40
CA GLY A 189 -5.18 2.96 5.30
C GLY A 189 -5.83 1.58 5.29
N ASP A 190 -5.15 0.61 5.89
CA ASP A 190 -5.65 -0.76 6.02
C ASP A 190 -4.88 -1.43 7.14
N MET A 191 -5.08 -2.73 7.29
CA MET A 191 -4.28 -3.55 8.19
C MET A 191 -3.67 -4.70 7.40
N ASP A 192 -2.33 -4.74 7.36
CA ASP A 192 -1.55 -5.83 6.79
C ASP A 192 -1.02 -6.72 7.91
N VAL A 193 -1.40 -7.99 7.90
CA VAL A 193 -1.12 -8.94 8.98
C VAL A 193 -0.24 -10.06 8.42
N LEU A 194 0.97 -10.20 8.95
CA LEU A 194 1.87 -11.26 8.51
C LEU A 194 1.74 -12.45 9.44
N LEU A 195 1.49 -13.61 8.87
CA LEU A 195 1.19 -14.82 9.60
C LEU A 195 2.29 -15.85 9.34
N THR A 196 2.58 -16.68 10.35
CA THR A 196 3.50 -17.81 10.22
C THR A 196 3.23 -18.77 11.36
N HIS A 197 3.71 -20.00 11.17
CA HIS A 197 3.57 -21.19 12.00
C HIS A 197 4.90 -21.91 11.91
N PRO A 198 5.28 -22.67 12.94
CA PRO A 198 6.54 -23.43 12.83
C PRO A 198 6.50 -24.43 11.68
N SER A 199 5.33 -25.03 11.44
CA SER A 199 5.14 -26.07 10.45
C SER A 199 5.12 -25.56 9.02
N PHE A 200 5.59 -24.35 8.73
CA PHE A 200 5.57 -23.84 7.37
C PHE A 200 6.96 -23.30 7.04
N THR A 201 7.72 -24.08 6.28
CA THR A 201 9.03 -23.66 5.82
C THR A 201 9.04 -23.52 4.31
N SER A 202 10.11 -22.90 3.81
CA SER A 202 10.36 -22.86 2.37
C SER A 202 10.21 -24.25 1.76
N GLU A 203 10.74 -25.26 2.42
CA GLU A 203 10.65 -26.65 1.95
C GLU A 203 9.46 -27.36 2.58
N SER A 204 8.28 -26.78 2.38
CA SER A 204 7.01 -27.37 2.84
C SER A 204 5.86 -27.06 1.87
N GLN A 207 2.89 -28.03 5.64
CA GLN A 207 1.90 -28.09 4.56
C GLN A 207 0.89 -26.96 4.72
N PRO A 208 0.47 -26.31 3.52
CA PRO A 208 -0.42 -25.12 3.53
C PRO A 208 -1.90 -25.40 3.82
N LYS A 209 -2.21 -25.55 5.11
CA LYS A 209 -3.58 -25.55 5.62
C LYS A 209 -3.87 -24.33 6.48
N LEU A 210 -2.85 -23.50 6.71
CA LEU A 210 -2.81 -22.66 7.89
C LEU A 210 -3.51 -21.33 7.68
N LEU A 211 -3.54 -20.81 6.45
CA LEU A 211 -4.21 -19.53 6.24
C LEU A 211 -5.73 -19.68 6.39
N HIS A 212 -6.30 -20.73 5.80
CA HIS A 212 -7.74 -20.92 5.87
C HIS A 212 -8.21 -21.00 7.31
N GLN A 213 -7.44 -21.68 8.16
CA GLN A 213 -7.86 -21.84 9.55
C GLN A 213 -8.04 -20.50 10.24
N VAL A 214 -7.12 -19.56 9.99
CA VAL A 214 -7.19 -18.25 10.62
C VAL A 214 -8.28 -17.38 10.02
N VAL A 215 -8.38 -17.33 8.69
CA VAL A 215 -9.49 -16.60 8.08
C VAL A 215 -10.81 -17.10 8.65
N GLU A 216 -10.94 -18.41 8.81
CA GLU A 216 -12.22 -18.97 9.22
C GLU A 216 -12.57 -18.57 10.66
N GLN A 217 -11.57 -18.44 11.53
CA GLN A 217 -11.86 -18.06 12.91
C GLN A 217 -12.30 -16.60 13.00
N LEU A 218 -11.69 -15.74 12.18
CA LEU A 218 -12.03 -14.33 12.16
C LEU A 218 -13.39 -14.06 11.52
N GLN A 219 -13.90 -14.99 10.71
CA GLN A 219 -15.28 -14.91 10.26
C GLN A 219 -16.27 -15.50 11.26
N LYS A 220 -15.82 -16.44 12.11
CA LYS A 220 -16.69 -16.99 13.14
C LYS A 220 -17.08 -15.93 14.17
N VAL A 221 -16.18 -15.00 14.48
CA VAL A 221 -16.44 -13.95 15.45
C VAL A 221 -16.89 -12.70 14.71
N HIS A 222 -17.24 -12.88 13.43
CA HIS A 222 -17.79 -11.80 12.61
C HIS A 222 -16.82 -10.62 12.54
N PHE A 223 -15.53 -10.86 12.71
CA PHE A 223 -14.60 -9.75 12.53
C PHE A 223 -14.30 -9.52 11.05
N ILE A 224 -14.05 -10.58 10.29
CA ILE A 224 -13.94 -10.46 8.84
C ILE A 224 -15.33 -10.59 8.25
N THR A 225 -15.72 -9.61 7.43
CA THR A 225 -17.08 -9.55 6.89
C THR A 225 -17.18 -9.99 5.44
N ASP A 226 -16.17 -9.72 4.60
CA ASP A 226 -16.24 -10.04 3.17
C ASP A 226 -14.86 -10.51 2.71
N THR A 227 -14.82 -11.11 1.50
CA THR A 227 -13.59 -11.72 0.97
C THR A 227 -13.34 -11.21 -0.45
N LEU A 228 -12.28 -10.43 -0.64
CA LEU A 228 -11.98 -9.93 -1.98
C LEU A 228 -11.25 -10.98 -2.82
N SER A 229 -10.32 -11.70 -2.21
CA SER A 229 -9.51 -12.70 -2.87
C SER A 229 -8.94 -13.56 -1.75
N LYS A 230 -8.84 -14.87 -1.98
CA LYS A 230 -8.18 -15.76 -1.03
C LYS A 230 -7.41 -16.85 -1.78
N GLY A 231 -6.25 -17.20 -1.24
CA GLY A 231 -5.55 -18.36 -1.71
C GLY A 231 -4.94 -19.05 -0.51
N GLU A 232 -3.81 -19.73 -0.74
CA GLU A 232 -3.16 -20.48 0.33
C GLU A 232 -2.08 -19.70 1.05
N THR A 233 -1.63 -18.55 0.56
CA THR A 233 -0.73 -17.72 1.34
C THR A 233 -1.13 -16.26 1.47
N LYS A 234 -2.13 -15.80 0.72
CA LYS A 234 -2.57 -14.41 0.83
C LYS A 234 -4.09 -14.36 0.94
N PHE A 235 -4.55 -13.55 1.85
CA PHE A 235 -5.96 -13.28 1.98
C PHE A 235 -6.16 -11.79 1.91
N MET A 236 -7.22 -11.37 1.23
CA MET A 236 -7.54 -9.96 1.10
C MET A 236 -9.03 -9.82 1.28
N GLY A 237 -9.44 -9.03 2.26
CA GLY A 237 -10.85 -8.83 2.50
C GLY A 237 -11.15 -7.66 3.35
N VAL A 238 -12.23 -7.80 4.11
CA VAL A 238 -12.87 -6.69 4.79
C VAL A 238 -13.18 -7.13 6.22
N CYS A 239 -13.03 -6.20 7.16
CA CYS A 239 -13.29 -6.43 8.57
C CYS A 239 -13.99 -5.21 9.13
N GLN A 240 -14.54 -5.36 10.34
CA GLN A 240 -15.30 -4.29 10.96
C GLN A 240 -15.36 -4.53 12.46
N LEU A 241 -15.04 -3.51 13.24
CA LEU A 241 -15.01 -3.69 14.68
C LEU A 241 -16.44 -3.85 15.19
N PRO A 242 -16.63 -4.60 16.28
CA PRO A 242 -17.97 -4.77 16.83
C PRO A 242 -18.48 -3.46 17.44
N SER A 243 -19.74 -3.16 17.19
CA SER A 243 -20.33 -1.99 17.82
C SER A 243 -20.85 -2.37 19.20
N LYS A 244 -21.04 -1.34 20.04
CA LYS A 244 -21.56 -1.52 21.39
C LYS A 244 -23.10 -1.52 21.43
N ASN A 245 -23.74 -1.99 20.35
CA ASN A 245 -25.21 -2.06 20.23
C ASN A 245 -25.85 -0.68 20.12
N ASP A 246 -25.52 0.23 21.03
CA ASP A 246 -26.14 1.56 21.04
C ASP A 246 -25.47 2.56 20.10
N GLU A 247 -24.18 2.38 19.80
CA GLU A 247 -23.39 3.40 19.11
C GLU A 247 -23.51 3.27 17.58
N LYS A 248 -23.02 4.31 16.89
CA LYS A 248 -22.82 4.26 15.44
C LYS A 248 -21.85 3.14 15.10
N GLU A 249 -22.18 2.35 14.08
CA GLU A 249 -21.34 1.20 13.74
C GLU A 249 -20.10 1.63 12.97
N TYR A 250 -18.96 1.02 13.29
CA TYR A 250 -17.69 1.40 12.71
C TYR A 250 -17.67 1.17 11.19
N PRO A 251 -16.88 1.96 10.45
CA PRO A 251 -16.75 1.70 9.01
C PRO A 251 -16.03 0.38 8.73
N HIS A 252 -16.37 -0.23 7.60
CA HIS A 252 -15.68 -1.45 7.20
C HIS A 252 -14.25 -1.13 6.73
N ARG A 253 -13.34 -2.05 6.98
CA ARG A 253 -11.93 -1.79 6.76
C ARG A 253 -11.31 -2.88 5.91
N ARG A 254 -10.36 -2.46 5.07
CA ARG A 254 -9.60 -3.39 4.26
C ARG A 254 -8.57 -4.11 5.12
N ILE A 255 -8.45 -5.41 4.91
CA ILE A 255 -7.48 -6.21 5.67
C ILE A 255 -6.88 -7.25 4.75
N ASP A 256 -5.61 -7.50 4.98
CA ASP A 256 -4.79 -8.44 4.23
C ASP A 256 -4.12 -9.30 5.26
N ILE A 257 -3.91 -10.56 4.92
CA ILE A 257 -3.21 -11.47 5.80
C ILE A 257 -2.32 -12.32 4.93
N ARG A 258 -1.04 -12.37 5.29
CA ARG A 258 -0.03 -13.04 4.50
C ARG A 258 0.60 -14.15 5.33
N LEU A 259 0.52 -15.37 4.83
CA LEU A 259 1.19 -16.49 5.44
C LEU A 259 2.57 -16.61 4.80
N ILE A 260 3.61 -16.29 5.57
CA ILE A 260 4.99 -16.44 5.10
C ILE A 260 5.60 -17.66 5.77
N PRO A 261 6.60 -18.30 5.16
CA PRO A 261 7.39 -19.30 5.88
C PRO A 261 8.22 -18.67 7.00
N LYS A 262 8.60 -19.54 7.95
CA LYS A 262 9.25 -19.04 9.16
C LYS A 262 10.67 -18.58 8.87
N ASP A 263 11.43 -19.32 8.05
CA ASP A 263 12.77 -18.89 7.67
C ASP A 263 12.79 -17.67 6.76
N GLN A 264 11.63 -17.21 6.29
CA GLN A 264 11.54 -15.96 5.56
C GLN A 264 10.71 -14.91 6.29
N TYR A 265 10.03 -15.28 7.38
CA TYR A 265 9.04 -14.41 8.02
C TYR A 265 9.62 -13.05 8.39
N TYR A 266 10.74 -13.03 9.11
CA TYR A 266 11.29 -11.77 9.59
C TYR A 266 11.87 -10.92 8.47
N CYS A 267 12.31 -11.55 7.38
CA CYS A 267 12.56 -10.79 6.15
C CYS A 267 11.27 -10.15 5.65
N GLY A 268 10.16 -10.88 5.71
CA GLY A 268 8.88 -10.31 5.32
C GLY A 268 8.43 -9.21 6.25
N VAL A 269 8.54 -9.45 7.57
CA VAL A 269 8.19 -8.44 8.56
C VAL A 269 8.95 -7.14 8.31
N LEU A 270 10.27 -7.25 8.13
CA LEU A 270 11.08 -6.06 7.83
C LEU A 270 10.60 -5.41 6.55
N TYR A 271 10.50 -6.19 5.48
CA TYR A 271 10.08 -5.65 4.20
C TYR A 271 8.74 -4.94 4.32
N PHE A 272 7.72 -5.64 4.82
CA PHE A 272 6.39 -5.05 4.83
C PHE A 272 6.26 -3.97 5.89
N THR A 273 7.07 -3.99 6.95
CA THR A 273 7.05 -2.87 7.87
C THR A 273 7.63 -1.63 7.24
N GLY A 274 8.85 -1.72 6.74
CA GLY A 274 9.44 -0.58 6.08
C GLY A 274 9.98 0.44 7.05
N SER A 275 9.78 1.75 6.82
CA SER A 275 8.99 2.33 5.71
C SER A 275 9.60 2.05 4.34
N ASP A 276 8.99 2.55 3.25
CA ASP A 276 9.49 2.12 1.96
C ASP A 276 10.91 2.62 1.70
N ILE A 277 11.12 3.94 1.63
CA ILE A 277 12.46 4.37 1.24
C ILE A 277 13.51 3.95 2.27
N PHE A 278 13.13 3.76 3.52
CA PHE A 278 14.00 3.11 4.51
C PHE A 278 14.68 1.87 3.94
N ASN A 279 13.93 1.07 3.17
CA ASN A 279 14.44 -0.20 2.66
C ASN A 279 15.43 0.00 1.51
N LYS A 280 15.24 1.01 0.67
CA LYS A 280 16.15 1.22 -0.46
C LYS A 280 17.51 1.68 0.02
N ASN A 281 17.53 2.61 0.98
CA ASN A 281 18.75 2.84 1.74
C ASN A 281 19.23 1.51 2.35
N MET A 282 18.31 0.81 3.01
CA MET A 282 18.65 -0.44 3.69
C MET A 282 19.27 -1.45 2.74
N ARG A 283 18.96 -1.36 1.44
CA ARG A 283 19.37 -2.38 0.47
C ARG A 283 20.53 -1.95 -0.42
N ALA A 284 20.48 -0.74 -0.97
CA ALA A 284 21.67 -0.21 -1.66
C ALA A 284 22.86 -0.17 -0.71
N HIS A 285 22.64 0.27 0.52
CA HIS A 285 23.64 0.25 1.58
C HIS A 285 23.64 -1.09 2.35
N ALA A 286 23.04 -2.13 1.76
CA ALA A 286 23.10 -3.49 2.31
C ALA A 286 24.30 -4.26 1.77
N LEU A 287 24.61 -4.05 0.50
CA LEU A 287 25.61 -4.85 -0.18
C LEU A 287 26.98 -4.23 -0.19
N GLU A 288 27.09 -2.95 0.15
CA GLU A 288 28.37 -2.40 0.58
C GLU A 288 28.72 -3.03 1.91
N LYS A 289 28.77 -4.37 1.96
CA LYS A 289 28.91 -5.15 3.19
C LYS A 289 28.95 -6.67 2.93
N GLY A 290 28.30 -7.11 1.85
CA GLY A 290 28.41 -8.48 1.37
C GLY A 290 27.32 -9.48 1.75
N PHE A 291 26.06 -9.05 1.87
CA PHE A 291 24.92 -9.93 2.18
C PHE A 291 23.71 -9.44 1.39
N THR A 292 23.22 -10.17 0.38
CA THR A 292 22.12 -9.65 -0.42
C THR A 292 20.77 -9.87 0.25
N ILE A 293 19.88 -8.89 0.08
CA ILE A 293 18.61 -8.81 0.79
C ILE A 293 17.51 -8.55 -0.22
N ASN A 294 16.33 -9.12 0.03
CA ASN A 294 15.15 -8.78 -0.76
C ASN A 294 13.93 -8.66 0.15
N GLU A 295 12.96 -9.53 -0.05
CA GLU A 295 11.83 -9.64 0.85
C GLU A 295 11.82 -10.96 1.60
N TYR A 296 12.55 -11.97 1.10
CA TYR A 296 12.48 -13.32 1.63
C TYR A 296 13.74 -13.75 2.35
N THR A 297 14.90 -13.25 1.95
CA THR A 297 16.14 -13.89 2.34
C THR A 297 17.26 -12.87 2.42
N ILE A 298 18.29 -13.24 3.18
CA ILE A 298 19.59 -12.57 3.15
C ILE A 298 20.65 -13.59 2.73
N ARG A 299 21.32 -13.31 1.61
CA ARG A 299 22.27 -14.24 1.03
C ARG A 299 23.60 -13.54 0.76
N PRO A 300 24.72 -14.23 0.98
CA PRO A 300 26.02 -13.63 0.69
C PRO A 300 26.28 -13.63 -0.81
N LEU A 301 27.15 -12.70 -1.25
CA LEU A 301 27.64 -12.69 -2.62
C LEU A 301 29.13 -12.92 -2.63
N GLY A 302 29.67 -13.00 -3.85
CA GLY A 302 31.11 -13.06 -4.06
C GLY A 302 31.54 -12.01 -5.06
N VAL A 303 32.84 -12.04 -5.37
CA VAL A 303 33.38 -11.05 -6.31
C VAL A 303 32.69 -11.18 -7.67
N THR A 304 32.16 -12.37 -7.97
CA THR A 304 31.34 -12.54 -9.17
C THR A 304 30.04 -11.74 -9.04
N GLY A 305 29.21 -12.11 -8.08
CA GLY A 305 27.94 -11.43 -7.87
C GLY A 305 26.78 -12.37 -7.70
N VAL A 306 27.03 -13.68 -7.72
CA VAL A 306 25.96 -14.66 -7.60
C VAL A 306 25.80 -15.03 -6.13
N ALA A 307 24.56 -15.32 -5.73
CA ALA A 307 24.23 -15.52 -4.33
C ALA A 307 24.61 -16.91 -3.84
N GLY A 308 24.94 -16.99 -2.56
CA GLY A 308 25.34 -18.24 -1.92
C GLY A 308 24.16 -19.14 -1.60
N GLU A 309 23.69 -19.06 -0.35
CA GLU A 309 22.51 -19.74 0.18
C GLU A 309 22.20 -19.08 1.53
N PRO A 310 20.93 -18.74 1.78
CA PRO A 310 20.61 -17.69 2.74
C PRO A 310 20.73 -18.13 4.18
N LEU A 311 21.22 -17.25 4.98
CA LEU A 311 21.60 -17.71 6.31
C LEU A 311 20.47 -17.46 7.31
N PRO A 312 20.35 -18.35 8.31
CA PRO A 312 19.07 -18.50 9.03
C PRO A 312 18.67 -17.28 9.83
N VAL A 313 17.87 -16.41 9.22
CA VAL A 313 17.24 -15.31 9.94
C VAL A 313 16.04 -15.89 10.69
N ASP A 314 16.12 -15.91 12.02
CA ASP A 314 15.03 -16.36 12.86
C ASP A 314 14.55 -15.28 13.83
N SER A 315 15.17 -14.10 13.83
CA SER A 315 14.63 -12.92 14.47
C SER A 315 14.95 -11.73 13.58
N GLU A 316 14.09 -10.70 13.66
CA GLU A 316 14.23 -9.57 12.73
C GLU A 316 15.66 -9.06 12.78
N LYS A 317 16.35 -9.26 13.91
CA LYS A 317 17.53 -8.48 14.18
C LYS A 317 18.80 -9.22 13.69
N ASP A 318 18.68 -10.37 13.01
CA ASP A 318 19.81 -10.98 12.32
C ASP A 318 20.08 -10.38 10.94
N ILE A 319 19.13 -9.62 10.39
CA ILE A 319 19.46 -8.65 9.38
C ILE A 319 20.19 -7.45 9.97
N PHE A 320 20.25 -7.31 11.29
CA PHE A 320 21.10 -6.27 11.88
C PHE A 320 22.41 -6.84 12.37
N ASP A 321 22.59 -8.16 12.29
CA ASP A 321 23.93 -8.76 12.50
C ASP A 321 24.64 -8.92 11.18
N TYR A 322 23.96 -9.53 10.20
CA TYR A 322 24.59 -9.79 8.93
C TYR A 322 25.05 -8.49 8.25
N ILE A 323 24.23 -7.44 8.24
CA ILE A 323 24.85 -6.21 7.79
C ILE A 323 25.41 -5.37 8.97
N GLN A 324 25.09 -5.72 10.21
CA GLN A 324 25.77 -5.13 11.38
C GLN A 324 25.48 -3.62 11.50
N TRP A 325 24.20 -3.26 11.47
CA TRP A 325 23.79 -1.98 12.02
C TRP A 325 23.34 -2.17 13.45
N LYS A 326 23.25 -1.05 14.19
CA LYS A 326 22.72 -1.07 15.54
C LYS A 326 21.20 -1.16 15.48
N TYR A 327 20.54 -1.01 16.62
CA TYR A 327 19.10 -1.23 16.65
C TYR A 327 18.36 0.03 16.24
N ARG A 328 17.44 -0.15 15.33
CA ARG A 328 16.70 0.92 14.67
C ARG A 328 15.28 0.39 14.64
N GLU A 329 14.48 0.77 15.62
CA GLU A 329 13.23 0.08 15.83
C GLU A 329 12.14 0.63 14.95
N PRO A 330 11.02 -0.16 14.77
CA PRO A 330 9.83 0.35 14.05
C PRO A 330 9.70 1.87 14.01
N LYS A 331 9.73 2.47 15.22
CA LYS A 331 9.66 3.91 15.41
C LYS A 331 10.38 4.73 14.34
N ASP A 332 11.69 4.50 14.21
CA ASP A 332 12.59 5.45 13.56
C ASP A 332 12.90 5.09 12.12
N ARG A 333 12.21 4.09 11.56
CA ARG A 333 12.45 3.71 10.16
C ARG A 333 11.75 4.62 9.17
N SER A 334 11.68 5.92 9.46
CA SER A 334 11.04 6.86 8.54
C SER A 334 11.76 6.92 7.19
N GLU A 335 13.08 6.72 7.21
CA GLU A 335 13.89 6.58 5.99
C GLU A 335 15.28 6.04 6.34
NA NA E . 16.23 17.76 -12.25
NA NA F . -9.61 0.88 -8.36
#